data_1NT2
#
_entry.id   1NT2
#
_cell.length_a   125.308
_cell.length_b   125.308
_cell.length_c   87.482
_cell.angle_alpha   90.00
_cell.angle_beta   90.00
_cell.angle_gamma   90.00
#
_symmetry.space_group_name_H-M   'P 42 21 2'
#
loop_
_entity.id
_entity.type
_entity.pdbx_description
1 polymer 'Fibrillarin-like pre-rRNA processing protein'
2 polymer 'conserved hypothetical protein'
3 non-polymer S-ADENOSYLMETHIONINE
#
loop_
_entity_poly.entity_id
_entity_poly.type
_entity_poly.pdbx_seq_one_letter_code
_entity_poly.pdbx_strand_id
1 'polypeptide(L)'
;MKELMRNVYLLDDTLVTKSKYGSHYGEKVFDGYREWVPWRSKLAAMILKGHRLKLRGDERVLYLGAASGTTVSHLADIVD
EGIIYAVEYSAKPFEKLLELVRERNNIIPLLFDASKPWKYSGIVEKVDLIYQDIAQKNQIEILKANAEFFLKEKGEVVIM
VKARSIDSTAEPEEVFKSVLKEMEGDFKIVKHGSLMPYHRDHIFIHAYRF
;
A
2 'polypeptide(L)'
;LRYNLWFGVYDGKEIKLSENFEESFLKAENPSPLPFNVSEVGAKALGKDYYRILRKTALAVSEKMVEKELRREDRYVVAL
VKALEEIDESINMLNEKLEDIRAVKESEITEKFEKKIRELRELRRDVEREIEEVMEKIAPNMTELVGAKVAAKLLERAGS
MERLVRLPASKIQVIGAEKSLYKAFARMKKGKKAKIPKHGIIFLHPFIRTLPKAKRGKMARFLAAKLAIAAKIDYFRGEI
DESLYESIRRRYEELRRK
;
B
#
# COMPACT_ATOMS: atom_id res chain seq x y z
N LYS A 2 -30.88 24.19 -6.84
CA LYS A 2 -29.66 25.05 -6.65
C LYS A 2 -28.37 24.44 -7.17
N GLU A 3 -27.30 25.24 -7.14
CA GLU A 3 -25.97 24.84 -7.60
C GLU A 3 -24.97 25.22 -6.50
N LEU A 4 -24.28 24.25 -5.95
CA LEU A 4 -23.31 24.54 -4.88
C LEU A 4 -21.87 24.35 -5.32
N MET A 5 -21.67 23.41 -6.22
CA MET A 5 -20.32 23.09 -6.69
C MET A 5 -20.19 22.92 -8.19
N ARG A 6 -18.98 22.49 -8.55
CA ARG A 6 -18.59 22.26 -9.93
C ARG A 6 -19.67 21.59 -10.73
N ASN A 7 -20.04 20.37 -10.36
CA ASN A 7 -21.11 19.68 -11.08
C ASN A 7 -22.06 19.15 -10.03
N VAL A 8 -22.25 19.98 -9.00
CA VAL A 8 -23.11 19.66 -7.87
C VAL A 8 -24.37 20.50 -7.80
N TYR A 9 -25.51 19.81 -7.85
CA TYR A 9 -26.81 20.45 -7.79
C TYR A 9 -27.71 19.71 -6.80
N LEU A 10 -28.87 20.30 -6.53
CA LEU A 10 -29.84 19.74 -5.61
C LEU A 10 -31.17 19.42 -6.30
N LEU A 11 -31.19 18.41 -7.17
CA LEU A 11 -32.44 18.03 -7.84
C LEU A 11 -33.51 17.93 -6.77
N ASP A 12 -34.59 18.68 -6.95
CA ASP A 12 -35.67 18.72 -5.97
C ASP A 12 -35.03 18.80 -4.59
N ASP A 13 -34.61 17.67 -4.05
CA ASP A 13 -33.94 17.67 -2.74
C ASP A 13 -32.89 16.56 -2.62
N THR A 14 -32.52 16.00 -3.76
CA THR A 14 -31.53 14.94 -3.83
C THR A 14 -30.21 15.52 -4.31
N LEU A 15 -29.16 15.44 -3.50
CA LEU A 15 -27.86 15.95 -3.90
C LEU A 15 -27.41 15.04 -5.04
N VAL A 16 -26.90 15.62 -6.13
CA VAL A 16 -26.43 14.83 -7.27
C VAL A 16 -25.30 15.51 -8.03
N THR A 17 -24.61 14.74 -8.86
CA THR A 17 -23.51 15.28 -9.67
C THR A 17 -23.78 15.03 -11.16
N LYS A 18 -23.50 16.05 -11.98
CA LYS A 18 -23.70 15.95 -13.42
C LYS A 18 -22.79 14.86 -13.95
N SER A 19 -23.38 13.75 -14.38
CA SER A 19 -22.59 12.67 -14.94
C SER A 19 -23.31 11.98 -16.07
N LYS A 20 -22.60 11.08 -16.73
CA LYS A 20 -23.17 10.32 -17.83
C LYS A 20 -22.67 8.92 -17.61
N TYR A 21 -22.46 8.59 -16.34
CA TYR A 21 -21.98 7.27 -15.93
C TYR A 21 -22.95 6.51 -15.05
N GLY A 22 -22.72 5.20 -14.93
CA GLY A 22 -23.57 4.32 -14.15
C GLY A 22 -23.53 4.44 -12.65
N SER A 23 -24.27 3.54 -11.99
CA SER A 23 -24.35 3.52 -10.53
C SER A 23 -23.33 2.55 -9.97
N HIS A 24 -22.36 3.10 -9.24
CA HIS A 24 -21.29 2.33 -8.64
C HIS A 24 -21.81 1.62 -7.40
N TYR A 25 -22.65 2.32 -6.65
CA TYR A 25 -23.22 1.77 -5.43
C TYR A 25 -24.75 1.94 -5.38
N GLY A 26 -25.22 3.16 -5.58
CA GLY A 26 -26.65 3.40 -5.54
C GLY A 26 -27.12 3.69 -6.95
N GLU A 27 -27.93 2.79 -7.50
CA GLU A 27 -28.47 2.91 -8.86
C GLU A 27 -29.18 4.24 -9.08
N LYS A 28 -28.87 5.21 -8.23
CA LYS A 28 -29.44 6.54 -8.26
C LYS A 28 -28.96 7.37 -9.46
N VAL A 29 -29.27 6.91 -10.68
CA VAL A 29 -28.84 7.63 -11.88
C VAL A 29 -29.97 8.00 -12.85
N PHE A 30 -30.30 9.30 -12.88
CA PHE A 30 -31.34 9.83 -13.75
C PHE A 30 -30.80 10.91 -14.70
N ASP A 31 -31.28 10.90 -15.95
CA ASP A 31 -30.88 11.85 -17.00
C ASP A 31 -29.69 12.79 -16.76
N GLY A 32 -28.48 12.24 -16.79
CA GLY A 32 -27.29 13.07 -16.61
C GLY A 32 -26.92 13.49 -15.19
N TYR A 33 -27.41 12.74 -14.22
CA TYR A 33 -27.14 13.03 -12.82
C TYR A 33 -27.12 11.75 -11.98
N ARG A 34 -26.26 11.73 -10.98
CA ARG A 34 -26.16 10.59 -10.08
C ARG A 34 -26.45 11.12 -8.67
N GLU A 35 -27.37 10.47 -7.97
CA GLU A 35 -27.67 10.91 -6.61
C GLU A 35 -26.48 10.59 -5.73
N TRP A 36 -26.04 11.58 -4.96
CA TRP A 36 -24.92 11.40 -4.06
C TRP A 36 -25.54 11.06 -2.71
N VAL A 37 -25.50 9.78 -2.32
CA VAL A 37 -26.09 9.37 -1.04
C VAL A 37 -25.28 9.88 0.15
N PRO A 38 -25.73 10.99 0.77
CA PRO A 38 -24.97 11.50 1.91
C PRO A 38 -24.75 10.49 3.05
N TRP A 39 -25.47 9.36 2.98
CA TRP A 39 -25.34 8.32 4.00
C TRP A 39 -24.22 7.35 3.61
N ARG A 40 -23.68 7.53 2.43
CA ARG A 40 -22.62 6.67 1.95
C ARG A 40 -21.49 7.55 1.39
N SER A 41 -21.27 8.71 2.01
CA SER A 41 -20.25 9.62 1.52
C SER A 41 -20.03 10.79 2.47
N LYS A 42 -18.95 10.71 3.22
CA LYS A 42 -18.63 11.77 4.18
C LYS A 42 -18.42 13.09 3.48
N LEU A 43 -18.41 13.07 2.14
CA LEU A 43 -18.22 14.30 1.38
C LEU A 43 -19.57 14.92 1.03
N ALA A 44 -20.44 14.12 0.42
CA ALA A 44 -21.77 14.61 0.07
C ALA A 44 -22.41 15.14 1.34
N ALA A 45 -21.97 14.63 2.48
CA ALA A 45 -22.50 15.08 3.76
C ALA A 45 -21.95 16.47 4.12
N MET A 46 -20.64 16.65 3.94
CA MET A 46 -20.01 17.94 4.23
C MET A 46 -20.70 19.03 3.41
N ILE A 47 -20.95 18.71 2.15
CA ILE A 47 -21.62 19.63 1.25
C ILE A 47 -22.96 20.01 1.86
N LEU A 48 -23.76 19.00 2.21
CA LEU A 48 -25.08 19.27 2.82
C LEU A 48 -24.98 20.02 4.12
N LYS A 49 -23.97 19.71 4.93
CA LYS A 49 -23.78 20.38 6.21
C LYS A 49 -23.53 21.86 6.02
N GLY A 50 -23.29 22.26 4.77
CA GLY A 50 -23.04 23.66 4.45
C GLY A 50 -21.80 23.86 3.61
N HIS A 51 -20.67 24.05 4.30
CA HIS A 51 -19.37 24.29 3.68
C HIS A 51 -19.12 23.44 2.43
N ARG A 52 -18.74 24.11 1.34
CA ARG A 52 -18.47 23.46 0.05
C ARG A 52 -17.02 23.65 -0.43
N LEU A 53 -16.73 23.15 -1.63
CA LEU A 53 -15.39 23.23 -2.23
C LEU A 53 -15.38 23.87 -3.64
N LYS A 54 -14.85 25.09 -3.77
CA LYS A 54 -14.79 25.73 -5.09
C LYS A 54 -13.66 25.03 -5.84
N LEU A 55 -13.79 24.90 -7.15
CA LEU A 55 -12.73 24.25 -7.93
C LEU A 55 -13.10 24.01 -9.38
N ARG A 56 -12.13 24.23 -10.27
CA ARG A 56 -12.33 24.03 -11.70
C ARG A 56 -12.14 22.56 -12.03
N GLY A 57 -12.79 22.09 -13.09
CA GLY A 57 -12.64 20.70 -13.46
C GLY A 57 -11.20 20.29 -13.69
N ASP A 58 -10.36 21.25 -14.10
CA ASP A 58 -8.93 21.01 -14.37
C ASP A 58 -8.16 20.90 -13.05
N GLU A 59 -8.51 19.90 -12.22
CA GLU A 59 -7.82 19.75 -10.94
C GLU A 59 -7.06 18.42 -10.80
N ARG A 60 -5.98 18.46 -10.01
CA ARG A 60 -5.15 17.27 -9.77
C ARG A 60 -5.42 16.79 -8.35
N VAL A 61 -6.21 15.73 -8.23
CA VAL A 61 -6.58 15.18 -6.94
C VAL A 61 -5.89 13.93 -6.42
N LEU A 62 -5.52 13.98 -5.15
CA LEU A 62 -4.89 12.87 -4.45
C LEU A 62 -5.88 12.47 -3.37
N TYR A 63 -6.45 11.28 -3.53
CA TYR A 63 -7.44 10.76 -2.59
C TYR A 63 -6.79 9.67 -1.73
N LEU A 64 -6.73 9.90 -0.43
CA LEU A 64 -6.16 8.91 0.48
C LEU A 64 -7.27 8.14 1.23
N GLY A 65 -7.67 7.00 0.66
CA GLY A 65 -8.70 6.17 1.25
C GLY A 65 -9.84 5.87 0.28
N ALA A 66 -9.50 5.74 -1.00
CA ALA A 66 -10.48 5.46 -2.04
C ALA A 66 -11.55 4.52 -1.58
N ALA A 67 -11.16 3.48 -0.86
CA ALA A 67 -12.12 2.50 -0.36
C ALA A 67 -12.70 1.77 -1.55
N SER A 68 -13.99 1.44 -1.50
CA SER A 68 -14.65 0.74 -2.60
C SER A 68 -14.72 1.70 -3.80
N GLY A 69 -14.73 2.99 -3.49
CA GLY A 69 -14.78 4.01 -4.51
C GLY A 69 -16.14 4.69 -4.65
N THR A 70 -16.81 4.95 -3.54
CA THR A 70 -18.10 5.60 -3.65
C THR A 70 -17.91 7.12 -3.58
N THR A 71 -17.30 7.62 -2.51
CA THR A 71 -17.08 9.06 -2.43
C THR A 71 -16.21 9.47 -3.63
N VAL A 72 -15.31 8.58 -4.05
CA VAL A 72 -14.43 8.84 -5.19
C VAL A 72 -15.21 9.02 -6.50
N SER A 73 -15.99 8.01 -6.86
CA SER A 73 -16.77 8.05 -8.09
C SER A 73 -17.42 9.40 -8.35
N HIS A 74 -17.78 10.12 -7.28
CA HIS A 74 -18.40 11.43 -7.45
C HIS A 74 -17.36 12.50 -7.69
N LEU A 75 -16.31 12.49 -6.88
CA LEU A 75 -15.27 13.47 -7.06
C LEU A 75 -14.84 13.46 -8.53
N ALA A 76 -14.88 12.28 -9.13
CA ALA A 76 -14.50 12.12 -10.53
C ALA A 76 -15.44 12.87 -11.45
N ASP A 77 -16.68 13.07 -11.00
CA ASP A 77 -17.66 13.80 -11.81
C ASP A 77 -17.44 15.28 -11.63
N ILE A 78 -16.98 15.65 -10.44
CA ILE A 78 -16.70 17.04 -10.12
C ILE A 78 -15.47 17.49 -10.90
N VAL A 79 -14.38 16.74 -10.77
CA VAL A 79 -13.15 17.02 -11.48
C VAL A 79 -13.12 16.18 -12.77
N ASP A 80 -13.98 16.54 -13.73
CA ASP A 80 -14.07 15.80 -14.99
C ASP A 80 -12.95 16.15 -15.98
N GLU A 81 -12.28 17.26 -15.71
CA GLU A 81 -11.19 17.74 -16.55
C GLU A 81 -9.90 17.74 -15.73
N GLY A 82 -9.82 16.81 -14.79
CA GLY A 82 -8.65 16.69 -13.93
C GLY A 82 -8.27 15.22 -13.82
N ILE A 83 -7.48 14.87 -12.81
CA ILE A 83 -7.08 13.48 -12.62
C ILE A 83 -7.07 13.10 -11.13
N ILE A 84 -7.51 11.89 -10.82
CA ILE A 84 -7.59 11.41 -9.45
C ILE A 84 -6.65 10.25 -9.14
N TYR A 85 -5.71 10.45 -8.21
CA TYR A 85 -4.80 9.38 -7.81
C TYR A 85 -5.37 8.74 -6.55
N ALA A 86 -6.25 7.77 -6.71
CA ALA A 86 -6.87 7.14 -5.56
C ALA A 86 -6.03 6.01 -4.97
N VAL A 87 -5.70 6.13 -3.69
CA VAL A 87 -4.90 5.13 -2.97
C VAL A 87 -5.72 4.35 -1.93
N GLU A 88 -5.60 3.02 -1.94
CA GLU A 88 -6.30 2.14 -1.01
C GLU A 88 -5.46 0.87 -0.91
N TYR A 89 -5.13 0.44 0.31
CA TYR A 89 -4.29 -0.74 0.44
C TYR A 89 -4.92 -2.09 0.76
N SER A 90 -6.24 -2.10 0.97
CA SER A 90 -6.94 -3.36 1.26
C SER A 90 -7.55 -3.86 -0.04
N ALA A 91 -7.20 -5.08 -0.41
CA ALA A 91 -7.69 -5.67 -1.65
C ALA A 91 -9.20 -5.83 -1.68
N LYS A 92 -9.80 -6.28 -0.57
CA LYS A 92 -11.25 -6.47 -0.52
C LYS A 92 -12.02 -5.32 -1.22
N PRO A 93 -11.92 -4.11 -0.67
CA PRO A 93 -12.63 -2.96 -1.24
C PRO A 93 -12.07 -2.58 -2.59
N PHE A 94 -10.76 -2.72 -2.72
CA PHE A 94 -10.05 -2.38 -3.94
C PHE A 94 -10.61 -3.17 -5.11
N GLU A 95 -11.01 -4.40 -4.87
CA GLU A 95 -11.54 -5.23 -5.93
C GLU A 95 -12.71 -4.51 -6.57
N LYS A 96 -13.51 -3.84 -5.75
CA LYS A 96 -14.68 -3.10 -6.22
C LYS A 96 -14.27 -1.78 -6.85
N LEU A 97 -13.12 -1.25 -6.43
CA LEU A 97 -12.62 0.02 -6.94
C LEU A 97 -12.28 -0.06 -8.42
N LEU A 98 -11.52 -1.08 -8.80
CA LEU A 98 -11.12 -1.26 -10.20
C LEU A 98 -12.27 -1.16 -11.17
N GLU A 99 -13.46 -1.53 -10.72
CA GLU A 99 -14.64 -1.46 -11.56
C GLU A 99 -14.98 -0.02 -11.90
N LEU A 100 -14.65 0.89 -10.99
CA LEU A 100 -14.89 2.30 -11.24
C LEU A 100 -13.82 2.81 -12.21
N VAL A 101 -12.55 2.67 -11.83
CA VAL A 101 -11.47 3.11 -12.69
C VAL A 101 -11.57 2.50 -14.08
N ARG A 102 -12.29 1.39 -14.19
CA ARG A 102 -12.46 0.74 -15.47
C ARG A 102 -13.51 1.52 -16.25
N GLU A 103 -14.64 1.79 -15.59
CA GLU A 103 -15.71 2.53 -16.23
C GLU A 103 -15.29 3.95 -16.56
N ARG A 104 -14.71 4.62 -15.58
CA ARG A 104 -14.27 5.99 -15.79
C ARG A 104 -12.84 6.07 -16.24
N ASN A 105 -12.48 7.18 -16.87
CA ASN A 105 -11.13 7.36 -17.39
C ASN A 105 -10.31 8.49 -16.76
N ASN A 106 -10.61 8.88 -15.52
CA ASN A 106 -9.87 9.97 -14.89
C ASN A 106 -9.39 9.65 -13.50
N ILE A 107 -9.45 8.37 -13.14
CA ILE A 107 -9.02 7.90 -11.83
C ILE A 107 -7.86 6.92 -11.99
N ILE A 108 -6.78 7.19 -11.25
CA ILE A 108 -5.57 6.40 -11.24
C ILE A 108 -5.44 5.62 -9.93
N PRO A 109 -5.44 4.27 -10.02
CA PRO A 109 -5.34 3.37 -8.87
C PRO A 109 -3.96 3.16 -8.30
N LEU A 110 -3.84 3.41 -7.01
CA LEU A 110 -2.59 3.25 -6.27
C LEU A 110 -2.91 2.32 -5.12
N LEU A 111 -2.57 1.06 -5.33
CA LEU A 111 -2.80 -0.02 -4.37
C LEU A 111 -1.67 -0.11 -3.35
N PHE A 112 -1.26 1.04 -2.83
CA PHE A 112 -0.17 1.12 -1.86
C PHE A 112 -0.58 1.69 -0.53
N ASP A 113 0.25 1.47 0.48
CA ASP A 113 0.00 1.97 1.81
C ASP A 113 0.18 3.48 1.82
N ALA A 114 -0.87 4.20 2.16
CA ALA A 114 -0.83 5.65 2.19
C ALA A 114 0.10 6.16 3.29
N SER A 115 0.26 5.34 4.33
CA SER A 115 1.09 5.69 5.47
C SER A 115 2.50 6.14 5.15
N LYS A 116 2.98 5.76 3.97
CA LYS A 116 4.32 6.12 3.53
C LYS A 116 4.32 6.53 2.06
N PRO A 117 4.06 7.83 1.78
CA PRO A 117 4.00 8.43 0.44
C PRO A 117 5.27 8.29 -0.41
N TRP A 118 6.43 8.34 0.24
CA TRP A 118 7.67 8.22 -0.48
C TRP A 118 7.71 6.96 -1.32
N LYS A 119 6.94 5.96 -0.90
CA LYS A 119 6.87 4.70 -1.61
C LYS A 119 6.30 4.87 -3.02
N TYR A 120 5.36 5.78 -3.17
CA TYR A 120 4.74 6.02 -4.48
C TYR A 120 5.01 7.46 -4.96
N SER A 121 5.92 8.13 -4.27
CA SER A 121 6.31 9.51 -4.56
C SER A 121 6.72 9.75 -6.00
N GLY A 122 7.07 8.69 -6.72
CA GLY A 122 7.46 8.87 -8.11
C GLY A 122 6.32 8.63 -9.09
N ILE A 123 5.09 8.69 -8.59
CA ILE A 123 3.91 8.48 -9.42
C ILE A 123 2.97 9.66 -9.28
N VAL A 124 2.82 10.11 -8.04
CA VAL A 124 1.94 11.23 -7.78
C VAL A 124 2.64 12.54 -8.12
N GLU A 125 1.94 13.39 -8.86
CA GLU A 125 2.48 14.68 -9.24
C GLU A 125 2.09 15.69 -8.18
N LYS A 126 2.43 16.96 -8.40
CA LYS A 126 2.05 17.99 -7.44
C LYS A 126 0.54 18.12 -7.57
N VAL A 127 -0.16 17.85 -6.48
CA VAL A 127 -1.62 17.90 -6.47
C VAL A 127 -2.17 19.22 -5.89
N ASP A 128 -3.37 19.57 -6.36
CA ASP A 128 -4.06 20.81 -5.95
C ASP A 128 -4.86 20.64 -4.66
N LEU A 129 -5.10 19.38 -4.30
CA LEU A 129 -5.86 19.04 -3.10
C LEU A 129 -5.74 17.57 -2.71
N ILE A 130 -5.57 17.34 -1.42
CA ILE A 130 -5.44 16.00 -0.87
C ILE A 130 -6.68 15.71 -0.04
N TYR A 131 -7.53 14.81 -0.52
CA TYR A 131 -8.74 14.42 0.22
C TYR A 131 -8.42 13.16 1.00
N GLN A 132 -8.59 13.20 2.31
CA GLN A 132 -8.31 12.03 3.12
C GLN A 132 -9.51 11.61 3.97
N ASP A 133 -9.78 10.32 3.93
CA ASP A 133 -10.88 9.70 4.64
C ASP A 133 -10.34 8.39 5.17
N ILE A 134 -9.21 8.47 5.87
CA ILE A 134 -8.58 7.30 6.46
C ILE A 134 -8.88 7.33 7.95
N ALA A 135 -9.28 6.18 8.48
CA ALA A 135 -9.61 6.05 9.89
C ALA A 135 -8.56 5.23 10.62
N GLN A 136 -7.54 5.92 11.12
CA GLN A 136 -6.45 5.29 11.87
C GLN A 136 -5.86 6.27 12.88
N LYS A 137 -5.23 5.74 13.92
CA LYS A 137 -4.63 6.57 14.96
C LYS A 137 -3.75 7.70 14.43
N ASN A 138 -2.76 7.37 13.60
CA ASN A 138 -1.84 8.37 13.05
C ASN A 138 -2.39 9.15 11.85
N GLN A 139 -3.71 9.31 11.81
CA GLN A 139 -4.36 10.03 10.72
C GLN A 139 -3.62 11.27 10.29
N ILE A 140 -3.64 12.28 11.15
CA ILE A 140 -3.01 13.56 10.88
C ILE A 140 -1.56 13.47 10.38
N GLU A 141 -0.85 12.43 10.79
CA GLU A 141 0.52 12.24 10.35
C GLU A 141 0.50 11.92 8.85
N ILE A 142 -0.24 10.88 8.49
CA ILE A 142 -0.34 10.47 7.09
C ILE A 142 -0.82 11.63 6.25
N LEU A 143 -1.76 12.40 6.79
CA LEU A 143 -2.24 13.53 6.02
C LEU A 143 -1.13 14.58 5.88
N LYS A 144 -0.30 14.73 6.91
CA LYS A 144 0.79 15.71 6.85
C LYS A 144 1.87 15.33 5.88
N ALA A 145 2.46 14.16 6.07
CA ALA A 145 3.52 13.67 5.20
C ALA A 145 3.05 13.62 3.76
N ASN A 146 1.80 13.25 3.54
CA ASN A 146 1.29 13.20 2.18
C ASN A 146 1.25 14.61 1.58
N ALA A 147 1.07 15.61 2.43
CA ALA A 147 1.03 17.00 1.98
C ALA A 147 2.42 17.48 1.57
N GLU A 148 3.41 17.19 2.42
CA GLU A 148 4.78 17.58 2.15
C GLU A 148 5.13 17.16 0.72
N PHE A 149 5.08 15.85 0.50
CA PHE A 149 5.38 15.28 -0.80
C PHE A 149 4.68 15.85 -2.01
N PHE A 150 3.36 15.99 -1.97
CA PHE A 150 2.65 16.44 -3.16
C PHE A 150 1.77 17.71 -3.12
N LEU A 151 1.29 18.10 -1.95
CA LEU A 151 0.44 19.27 -1.89
C LEU A 151 1.17 20.54 -2.29
N LYS A 152 0.97 20.97 -3.53
CA LYS A 152 1.60 22.17 -4.05
C LYS A 152 1.28 23.42 -3.21
N GLU A 153 2.30 24.21 -2.91
CA GLU A 153 2.16 25.44 -2.12
C GLU A 153 0.87 26.18 -2.44
N LYS A 154 0.10 26.46 -1.41
CA LYS A 154 -1.18 27.15 -1.56
C LYS A 154 -2.21 26.17 -2.10
N GLY A 155 -2.04 24.90 -1.74
CA GLY A 155 -2.96 23.87 -2.15
C GLY A 155 -3.90 23.64 -0.97
N GLU A 156 -5.02 22.97 -1.20
CA GLU A 156 -5.98 22.75 -0.13
C GLU A 156 -6.28 21.27 0.15
N VAL A 157 -6.66 20.98 1.40
CA VAL A 157 -6.98 19.63 1.80
C VAL A 157 -8.27 19.53 2.60
N VAL A 158 -8.91 18.37 2.49
CA VAL A 158 -10.14 18.07 3.22
C VAL A 158 -9.83 16.72 3.85
N ILE A 159 -10.04 16.63 5.15
CA ILE A 159 -9.74 15.38 5.82
C ILE A 159 -10.87 15.02 6.75
N MET A 160 -11.38 13.80 6.61
CA MET A 160 -12.45 13.32 7.47
C MET A 160 -11.81 12.66 8.70
N VAL A 161 -12.42 12.83 9.86
CA VAL A 161 -11.87 12.27 11.08
C VAL A 161 -12.90 11.58 11.98
N LYS A 162 -12.54 10.39 12.44
CA LYS A 162 -13.40 9.63 13.34
C LYS A 162 -12.73 9.72 14.69
N ALA A 163 -13.26 10.56 15.57
CA ALA A 163 -12.70 10.73 16.91
C ALA A 163 -12.11 9.43 17.48
N ARG A 164 -12.96 8.41 17.66
CA ARG A 164 -12.52 7.12 18.19
C ARG A 164 -11.29 6.51 17.50
N SER A 165 -11.17 6.77 16.20
CA SER A 165 -10.06 6.26 15.39
C SER A 165 -8.71 6.65 16.00
N ILE A 166 -8.71 7.82 16.63
CA ILE A 166 -7.54 8.40 17.27
C ILE A 166 -7.47 8.08 18.76
N ASP A 167 -8.53 8.40 19.50
CA ASP A 167 -8.57 8.14 20.93
C ASP A 167 -9.72 7.21 21.33
N SER A 168 -9.38 5.97 21.64
CA SER A 168 -10.36 4.95 22.03
C SER A 168 -11.38 5.47 23.03
N THR A 169 -10.89 5.92 24.19
CA THR A 169 -11.75 6.43 25.25
C THR A 169 -11.43 7.87 25.67
N ALA A 170 -12.08 8.83 25.01
CA ALA A 170 -11.89 10.24 25.29
C ALA A 170 -13.00 10.96 24.54
N GLU A 171 -13.68 11.86 25.23
CA GLU A 171 -14.80 12.61 24.67
C GLU A 171 -14.50 13.18 23.29
N PRO A 172 -15.30 12.79 22.27
CA PRO A 172 -15.20 13.23 20.87
C PRO A 172 -14.83 14.70 20.72
N GLU A 173 -15.27 15.51 21.68
CA GLU A 173 -15.01 16.94 21.69
C GLU A 173 -13.53 17.20 21.97
N GLU A 174 -13.01 16.59 23.02
CA GLU A 174 -11.61 16.76 23.40
C GLU A 174 -10.67 16.17 22.37
N VAL A 175 -11.10 15.11 21.70
CA VAL A 175 -10.29 14.47 20.68
C VAL A 175 -10.25 15.39 19.47
N PHE A 176 -11.41 15.91 19.10
CA PHE A 176 -11.47 16.83 17.98
C PHE A 176 -10.78 18.14 18.38
N LYS A 177 -10.75 18.42 19.68
CA LYS A 177 -10.12 19.62 20.21
C LYS A 177 -8.62 19.54 19.94
N SER A 178 -8.04 18.40 20.30
CA SER A 178 -6.62 18.15 20.13
C SER A 178 -6.21 18.13 18.66
N VAL A 179 -6.76 17.17 17.93
CA VAL A 179 -6.46 16.99 16.51
C VAL A 179 -6.42 18.29 15.73
N LEU A 180 -7.42 19.13 15.92
CA LEU A 180 -7.47 20.39 15.21
C LEU A 180 -6.22 21.20 15.55
N LYS A 181 -5.83 21.19 16.81
CA LYS A 181 -4.65 21.92 17.26
C LYS A 181 -3.39 21.32 16.65
N GLU A 182 -3.31 19.99 16.67
CA GLU A 182 -2.16 19.27 16.13
C GLU A 182 -1.98 19.52 14.63
N MET A 183 -3.10 19.66 13.91
CA MET A 183 -3.04 19.88 12.47
C MET A 183 -2.84 21.34 12.08
N GLU A 184 -3.10 22.23 13.02
CA GLU A 184 -2.95 23.65 12.77
C GLU A 184 -1.50 24.01 12.42
N GLY A 185 -0.57 23.38 13.12
CA GLY A 185 0.85 23.65 12.91
C GLY A 185 1.37 23.56 11.48
N ASP A 186 0.56 23.10 10.54
CA ASP A 186 1.02 22.98 9.16
C ASP A 186 0.05 23.57 8.16
N PHE A 187 -1.23 23.55 8.52
CA PHE A 187 -2.26 24.07 7.64
C PHE A 187 -2.97 25.27 8.22
N LYS A 188 -3.73 25.94 7.36
CA LYS A 188 -4.51 27.09 7.79
C LYS A 188 -5.95 26.64 7.72
N ILE A 189 -6.63 26.64 8.86
CA ILE A 189 -8.04 26.22 8.95
C ILE A 189 -9.00 27.03 8.08
N VAL A 190 -10.04 26.38 7.60
CA VAL A 190 -11.02 27.05 6.76
C VAL A 190 -12.41 26.79 7.29
N LYS A 191 -12.56 25.64 7.95
CA LYS A 191 -13.84 25.24 8.54
C LYS A 191 -13.80 23.81 9.01
N HIS A 192 -14.57 23.56 10.06
CA HIS A 192 -14.68 22.23 10.61
C HIS A 192 -16.15 22.16 11.00
N GLY A 193 -16.71 20.96 10.97
CA GLY A 193 -18.11 20.80 11.32
C GLY A 193 -18.39 19.33 11.25
N SER A 194 -19.17 18.82 12.19
CA SER A 194 -19.49 17.40 12.18
C SER A 194 -20.59 17.16 11.19
N LEU A 195 -20.67 15.93 10.72
CA LEU A 195 -21.69 15.50 9.76
C LEU A 195 -22.76 14.81 10.58
N MET A 196 -23.01 15.36 11.77
CA MET A 196 -23.95 14.80 12.74
C MET A 196 -25.08 13.87 12.29
N PRO A 197 -25.96 14.30 11.37
CA PRO A 197 -26.97 13.27 11.04
C PRO A 197 -26.35 12.07 10.30
N TYR A 198 -25.71 12.38 9.18
CA TYR A 198 -25.09 11.38 8.31
C TYR A 198 -24.00 10.50 8.90
N HIS A 199 -23.07 11.09 9.63
CA HIS A 199 -21.99 10.32 10.26
C HIS A 199 -21.75 10.75 11.69
N ARG A 200 -22.52 10.14 12.60
CA ARG A 200 -22.46 10.47 14.03
C ARG A 200 -21.11 10.32 14.75
N ASP A 201 -20.00 10.26 14.02
CA ASP A 201 -18.71 10.13 14.69
C ASP A 201 -17.59 10.89 13.98
N HIS A 202 -17.86 11.34 12.75
CA HIS A 202 -16.87 12.07 11.97
C HIS A 202 -17.05 13.60 11.98
N ILE A 203 -16.00 14.33 11.55
CA ILE A 203 -16.03 15.79 11.45
C ILE A 203 -15.04 16.18 10.35
N PHE A 204 -15.46 17.06 9.44
CA PHE A 204 -14.58 17.46 8.34
C PHE A 204 -13.81 18.75 8.64
N ILE A 205 -12.54 18.74 8.27
CA ILE A 205 -11.71 19.91 8.49
C ILE A 205 -11.15 20.34 7.13
N HIS A 206 -11.50 21.56 6.71
CA HIS A 206 -10.99 22.07 5.45
C HIS A 206 -9.84 22.99 5.80
N ALA A 207 -8.78 22.96 4.99
CA ALA A 207 -7.63 23.80 5.27
C ALA A 207 -6.62 23.79 4.12
N TYR A 208 -5.57 24.58 4.26
CA TYR A 208 -4.55 24.64 3.23
C TYR A 208 -3.23 25.13 3.82
N ARG A 209 -2.15 24.87 3.11
CA ARG A 209 -0.84 25.28 3.56
C ARG A 209 -0.32 26.41 2.69
N PHE A 210 0.06 27.52 3.32
CA PHE A 210 0.59 28.68 2.62
C PHE A 210 2.08 28.45 2.37
N LEU B 1 22.06 12.02 -8.16
CA LEU B 1 21.00 12.70 -8.96
C LEU B 1 20.10 11.67 -9.63
N ARG B 2 19.82 10.59 -8.90
CA ARG B 2 18.96 9.52 -9.42
C ARG B 2 17.54 9.66 -8.89
N TYR B 3 16.59 9.79 -9.80
CA TYR B 3 15.18 9.89 -9.42
C TYR B 3 14.44 8.72 -10.06
N ASN B 4 13.53 8.11 -9.30
CA ASN B 4 12.79 6.97 -9.80
C ASN B 4 11.34 7.32 -10.08
N LEU B 5 11.04 7.70 -11.32
CA LEU B 5 9.68 8.03 -11.69
C LEU B 5 9.06 6.81 -12.34
N TRP B 6 7.73 6.76 -12.43
CA TRP B 6 7.06 5.61 -13.00
C TRP B 6 7.41 5.20 -14.43
N PHE B 7 8.00 6.11 -15.21
CA PHE B 7 8.37 5.77 -16.58
C PHE B 7 9.87 5.54 -16.75
N GLY B 8 10.67 6.13 -15.88
CA GLY B 8 12.10 5.93 -15.97
C GLY B 8 12.92 6.68 -14.92
N VAL B 9 14.22 6.80 -15.19
CA VAL B 9 15.17 7.46 -14.29
C VAL B 9 15.60 8.84 -14.79
N TYR B 10 15.06 9.87 -14.15
CA TYR B 10 15.36 11.25 -14.49
C TYR B 10 16.52 11.79 -13.64
N ASP B 11 17.21 12.80 -14.18
CA ASP B 11 18.33 13.50 -13.54
C ASP B 11 18.34 14.85 -14.24
N GLY B 12 17.96 14.80 -15.50
CA GLY B 12 17.88 15.97 -16.38
C GLY B 12 17.61 15.37 -17.75
N LYS B 13 17.81 14.06 -17.82
CA LYS B 13 17.62 13.29 -19.04
C LYS B 13 16.43 12.36 -18.82
N GLU B 14 16.46 11.17 -19.43
CA GLU B 14 15.37 10.22 -19.29
C GLU B 14 15.64 8.86 -19.94
N ILE B 15 15.53 7.81 -19.14
CA ILE B 15 15.75 6.45 -19.61
C ILE B 15 14.54 5.62 -19.21
N LYS B 16 13.68 5.31 -20.18
CA LYS B 16 12.49 4.53 -19.92
C LYS B 16 12.84 3.08 -19.62
N LEU B 17 11.82 2.28 -19.31
CA LEU B 17 12.02 0.86 -19.03
C LEU B 17 11.52 0.08 -20.24
N SER B 18 12.20 -1.02 -20.58
CA SER B 18 11.80 -1.82 -21.73
C SER B 18 10.38 -2.38 -21.54
N GLU B 19 9.40 -1.70 -22.14
CA GLU B 19 7.99 -2.09 -22.08
C GLU B 19 7.61 -2.54 -20.67
N ASN B 20 8.29 -2.01 -19.67
CA ASN B 20 8.03 -2.37 -18.30
C ASN B 20 7.89 -1.15 -17.41
N PHE B 21 6.76 -0.46 -17.53
CA PHE B 21 6.45 0.71 -16.72
C PHE B 21 5.84 0.14 -15.46
N GLU B 22 5.25 -1.03 -15.62
CA GLU B 22 4.63 -1.73 -14.51
C GLU B 22 5.69 -1.95 -13.44
N GLU B 23 6.90 -2.28 -13.87
CA GLU B 23 7.97 -2.53 -12.92
C GLU B 23 8.38 -1.27 -12.19
N SER B 24 8.86 -0.26 -12.93
CA SER B 24 9.28 1.00 -12.31
C SER B 24 8.14 1.68 -11.58
N PHE B 25 6.92 1.30 -11.93
CA PHE B 25 5.73 1.85 -11.29
C PHE B 25 5.80 1.38 -9.85
N LEU B 26 6.13 0.11 -9.70
CA LEU B 26 6.26 -0.54 -8.39
C LEU B 26 7.60 -0.16 -7.79
N LYS B 27 8.47 0.39 -8.63
CA LYS B 27 9.82 0.79 -8.24
C LYS B 27 10.03 2.28 -8.01
N ALA B 28 9.01 3.10 -8.25
CA ALA B 28 9.13 4.55 -8.06
C ALA B 28 9.51 4.94 -6.62
N GLU B 29 10.69 4.49 -6.21
CA GLU B 29 11.26 4.73 -4.87
C GLU B 29 12.03 6.05 -4.76
N ASN B 30 11.51 6.97 -3.97
CA ASN B 30 12.15 8.26 -3.75
C ASN B 30 11.88 8.56 -2.29
N PRO B 31 12.93 8.79 -1.49
CA PRO B 31 12.81 9.09 -0.06
C PRO B 31 12.67 10.55 0.33
N SER B 32 12.34 11.40 -0.63
CA SER B 32 12.22 12.81 -0.30
C SER B 32 11.49 13.55 -1.41
N PRO B 33 10.52 14.41 -1.03
CA PRO B 33 9.74 15.18 -1.99
C PRO B 33 10.54 15.48 -3.27
N LEU B 34 9.91 15.40 -4.44
CA LEU B 34 10.64 15.68 -5.66
C LEU B 34 10.66 17.19 -5.92
N PRO B 35 11.73 17.71 -6.56
CA PRO B 35 11.78 19.15 -6.82
C PRO B 35 11.20 19.49 -8.18
N PHE B 36 10.48 18.55 -8.76
CA PHE B 36 9.86 18.74 -10.06
C PHE B 36 8.52 18.01 -10.21
N ASN B 37 7.79 18.33 -11.27
CA ASN B 37 6.50 17.69 -11.50
C ASN B 37 6.64 16.47 -12.36
N VAL B 38 6.60 15.30 -11.74
CA VAL B 38 6.73 14.05 -12.49
C VAL B 38 5.84 14.10 -13.72
N SER B 39 4.68 14.73 -13.55
CA SER B 39 3.71 14.88 -14.61
C SER B 39 4.33 15.62 -15.80
N GLU B 40 4.99 16.75 -15.53
CA GLU B 40 5.61 17.56 -16.57
C GLU B 40 6.79 16.85 -17.20
N VAL B 41 7.71 16.43 -16.33
CA VAL B 41 8.88 15.70 -16.78
C VAL B 41 8.42 14.50 -17.61
N GLY B 42 7.20 14.06 -17.36
CA GLY B 42 6.67 12.93 -18.09
C GLY B 42 6.02 13.36 -19.39
N ALA B 43 5.44 14.56 -19.40
CA ALA B 43 4.80 15.07 -20.61
C ALA B 43 5.91 15.23 -21.63
N LYS B 44 7.09 15.63 -21.14
CA LYS B 44 8.27 15.80 -21.98
C LYS B 44 8.98 14.46 -22.27
N ALA B 45 8.23 13.37 -22.24
CA ALA B 45 8.80 12.06 -22.51
C ALA B 45 7.79 11.25 -23.30
N LEU B 46 6.57 11.17 -22.76
CA LEU B 46 5.48 10.46 -23.40
C LEU B 46 4.59 11.51 -24.04
N GLY B 47 3.90 11.12 -25.11
CA GLY B 47 3.05 12.08 -25.79
C GLY B 47 1.98 12.65 -24.89
N LYS B 48 0.76 12.72 -25.40
CA LYS B 48 -0.35 13.21 -24.63
C LYS B 48 -0.91 11.97 -23.90
N ASP B 49 -0.60 10.81 -24.47
CA ASP B 49 -1.04 9.55 -23.89
C ASP B 49 -0.57 9.42 -22.45
N TYR B 50 0.36 10.26 -22.04
CA TYR B 50 0.92 10.21 -20.69
C TYR B 50 -0.08 9.62 -19.75
N TYR B 51 -1.20 10.30 -19.58
CA TYR B 51 -2.20 9.80 -18.68
C TYR B 51 -2.73 8.43 -19.08
N ARG B 52 -3.11 8.24 -20.34
CA ARG B 52 -3.65 6.93 -20.75
C ARG B 52 -2.71 5.78 -20.35
N ILE B 53 -1.41 5.98 -20.62
CA ILE B 53 -0.40 4.99 -20.30
C ILE B 53 -0.19 4.89 -18.79
N LEU B 54 -0.19 6.03 -18.10
CA LEU B 54 -0.04 6.06 -16.64
C LEU B 54 -1.18 5.29 -16.01
N ARG B 55 -2.31 5.29 -16.71
CA ARG B 55 -3.53 4.62 -16.26
C ARG B 55 -3.45 3.15 -16.56
N LYS B 56 -3.24 2.79 -17.83
CA LYS B 56 -3.15 1.38 -18.20
C LYS B 56 -2.17 0.66 -17.26
N THR B 57 -1.15 1.38 -16.82
CA THR B 57 -0.15 0.81 -15.92
C THR B 57 -0.71 0.61 -14.53
N ALA B 58 -1.24 1.69 -13.95
CA ALA B 58 -1.82 1.64 -12.60
C ALA B 58 -2.95 0.63 -12.54
N LEU B 59 -3.51 0.27 -13.69
CA LEU B 59 -4.61 -0.69 -13.73
C LEU B 59 -4.09 -2.14 -13.74
N ALA B 60 -3.02 -2.37 -14.50
CA ALA B 60 -2.42 -3.69 -14.60
C ALA B 60 -1.98 -4.21 -13.24
N VAL B 61 -1.20 -3.44 -12.51
CA VAL B 61 -0.73 -3.85 -11.20
C VAL B 61 -1.89 -4.06 -10.23
N SER B 62 -2.87 -3.17 -10.28
CA SER B 62 -4.03 -3.28 -9.40
C SER B 62 -4.75 -4.62 -9.60
N GLU B 63 -4.87 -5.04 -10.86
CA GLU B 63 -5.54 -6.28 -11.17
C GLU B 63 -4.75 -7.49 -10.66
N LYS B 64 -3.44 -7.48 -10.86
CA LYS B 64 -2.61 -8.59 -10.42
C LYS B 64 -2.79 -8.81 -8.92
N MET B 65 -2.85 -7.71 -8.17
CA MET B 65 -3.03 -7.83 -6.73
C MET B 65 -4.34 -8.55 -6.47
N VAL B 66 -5.41 -8.01 -7.03
CA VAL B 66 -6.73 -8.60 -6.85
C VAL B 66 -6.71 -10.02 -7.40
N GLU B 67 -5.86 -10.29 -8.37
CA GLU B 67 -5.78 -11.62 -8.94
C GLU B 67 -5.17 -12.61 -7.93
N LYS B 68 -4.09 -12.21 -7.29
CA LYS B 68 -3.44 -13.05 -6.29
C LYS B 68 -4.36 -13.22 -5.07
N GLU B 69 -4.85 -12.10 -4.54
CA GLU B 69 -5.73 -12.12 -3.36
C GLU B 69 -6.99 -12.92 -3.61
N LEU B 70 -7.17 -13.39 -4.83
CA LEU B 70 -8.33 -14.20 -5.17
C LEU B 70 -7.87 -15.65 -5.00
N ARG B 71 -6.60 -15.89 -5.33
CA ARG B 71 -5.97 -17.20 -5.23
C ARG B 71 -5.54 -17.48 -3.80
N ARG B 72 -5.26 -16.41 -3.04
CA ARG B 72 -4.80 -16.49 -1.65
C ARG B 72 -3.64 -17.47 -1.43
N GLU B 73 -2.89 -17.72 -2.50
CA GLU B 73 -1.77 -18.63 -2.43
C GLU B 73 -0.78 -18.26 -1.32
N ASP B 74 -0.64 -16.96 -1.08
CA ASP B 74 0.28 -16.51 -0.05
C ASP B 74 -0.13 -17.04 1.31
N ARG B 75 -1.43 -17.24 1.49
CA ARG B 75 -1.95 -17.76 2.75
C ARG B 75 -1.47 -19.19 2.91
N TYR B 76 -1.70 -19.98 1.86
CA TYR B 76 -1.28 -21.37 1.85
C TYR B 76 0.15 -21.41 2.38
N VAL B 77 0.98 -20.48 1.91
CA VAL B 77 2.36 -20.46 2.36
C VAL B 77 2.55 -20.15 3.84
N VAL B 78 1.78 -19.22 4.38
CA VAL B 78 1.92 -18.89 5.81
C VAL B 78 1.59 -20.13 6.64
N ALA B 79 0.43 -20.71 6.37
CA ALA B 79 0.00 -21.90 7.08
C ALA B 79 1.13 -22.93 6.97
N LEU B 80 1.74 -22.96 5.80
CA LEU B 80 2.81 -23.90 5.54
C LEU B 80 4.02 -23.67 6.44
N VAL B 81 4.41 -22.40 6.59
CA VAL B 81 5.56 -22.05 7.42
C VAL B 81 5.25 -22.27 8.88
N LYS B 82 4.00 -22.03 9.25
CA LYS B 82 3.57 -22.19 10.63
C LYS B 82 3.46 -23.65 10.98
N ALA B 83 3.32 -24.51 9.97
CA ALA B 83 3.22 -25.93 10.24
C ALA B 83 4.63 -26.47 10.31
N LEU B 84 5.50 -25.94 9.46
CA LEU B 84 6.86 -26.39 9.43
C LEU B 84 7.40 -26.34 10.86
N GLU B 85 7.70 -25.14 11.35
CA GLU B 85 8.23 -24.97 12.69
C GLU B 85 7.55 -25.89 13.69
N GLU B 86 6.25 -26.10 13.53
CA GLU B 86 5.54 -26.97 14.45
C GLU B 86 6.03 -28.41 14.29
N ILE B 87 5.97 -28.89 13.06
CA ILE B 87 6.41 -30.22 12.72
C ILE B 87 7.83 -30.38 13.24
N ASP B 88 8.56 -29.28 13.30
CA ASP B 88 9.93 -29.28 13.77
C ASP B 88 10.03 -29.31 15.28
N GLU B 89 9.10 -28.62 15.91
CA GLU B 89 9.09 -28.56 17.36
C GLU B 89 8.99 -29.97 17.92
N SER B 90 8.06 -30.75 17.38
CA SER B 90 7.82 -32.12 17.80
C SER B 90 9.02 -33.01 17.52
N ILE B 91 9.58 -32.90 16.32
CA ILE B 91 10.74 -33.71 15.99
C ILE B 91 11.70 -33.69 17.16
N ASN B 92 11.82 -32.53 17.82
CA ASN B 92 12.73 -32.34 18.96
C ASN B 92 12.27 -32.84 20.30
N MET B 93 11.10 -32.39 20.75
CA MET B 93 10.58 -32.84 22.03
C MET B 93 10.11 -34.30 21.95
N LEU B 94 10.47 -34.97 20.87
CA LEU B 94 10.12 -36.37 20.68
C LEU B 94 11.43 -37.14 20.61
N ASN B 95 12.52 -36.39 20.61
CA ASN B 95 13.86 -36.94 20.57
C ASN B 95 14.33 -36.82 21.99
N GLU B 96 13.73 -35.86 22.66
CA GLU B 96 13.99 -35.55 24.05
C GLU B 96 13.28 -36.62 24.87
N LYS B 97 12.14 -37.08 24.36
CA LYS B 97 11.37 -38.10 25.05
C LYS B 97 11.86 -39.50 24.77
N LEU B 98 12.51 -39.70 23.61
CA LEU B 98 13.02 -41.03 23.24
C LEU B 98 14.35 -41.32 23.91
N GLU B 99 15.23 -40.31 23.95
CA GLU B 99 16.50 -40.51 24.59
C GLU B 99 16.22 -40.66 26.07
N ASP B 100 14.99 -40.34 26.46
CA ASP B 100 14.56 -40.45 27.85
C ASP B 100 14.31 -41.92 28.12
N ILE B 101 13.52 -42.54 27.25
CA ILE B 101 13.24 -43.96 27.37
C ILE B 101 14.57 -44.71 27.21
N ARG B 102 15.24 -44.42 26.10
CA ARG B 102 16.52 -45.03 25.71
C ARG B 102 17.66 -44.96 26.74
N ALA B 103 17.57 -44.03 27.69
CA ALA B 103 18.59 -43.88 28.72
C ALA B 103 18.43 -45.00 29.72
N VAL B 104 17.23 -45.57 29.69
CA VAL B 104 16.85 -46.68 30.56
C VAL B 104 16.95 -48.00 29.77
N LYS B 105 15.92 -48.32 29.01
CA LYS B 105 15.89 -49.55 28.23
C LYS B 105 15.89 -49.28 26.74
N GLU B 106 16.48 -50.20 25.97
CA GLU B 106 16.52 -50.09 24.51
C GLU B 106 15.53 -51.13 24.00
N SER B 107 14.26 -50.90 24.27
CA SER B 107 13.20 -51.82 23.86
C SER B 107 12.93 -51.87 22.38
N GLU B 108 12.15 -52.87 22.00
CA GLU B 108 11.78 -53.06 20.61
C GLU B 108 10.66 -52.11 20.23
N ILE B 109 10.46 -51.06 21.04
CA ILE B 109 9.45 -50.05 20.76
C ILE B 109 10.16 -48.72 20.58
N THR B 110 11.34 -48.60 21.18
CA THR B 110 12.12 -47.38 21.04
C THR B 110 12.51 -47.31 19.57
N GLU B 111 12.49 -48.46 18.92
CA GLU B 111 12.84 -48.54 17.50
C GLU B 111 11.70 -47.99 16.66
N LYS B 112 10.48 -48.42 16.97
CA LYS B 112 9.31 -47.93 16.22
C LYS B 112 9.28 -46.42 16.34
N PHE B 113 9.86 -45.93 17.42
CA PHE B 113 9.93 -44.51 17.69
C PHE B 113 10.85 -43.92 16.61
N GLU B 114 12.11 -44.33 16.64
CA GLU B 114 13.08 -43.85 15.68
C GLU B 114 12.54 -43.75 14.26
N LYS B 115 11.96 -44.82 13.76
CA LYS B 115 11.43 -44.77 12.41
C LYS B 115 10.34 -43.70 12.27
N LYS B 116 9.46 -43.59 13.27
CA LYS B 116 8.38 -42.60 13.24
C LYS B 116 8.95 -41.18 13.29
N ILE B 117 10.05 -41.00 14.02
CA ILE B 117 10.67 -39.68 14.09
C ILE B 117 11.12 -39.41 12.67
N ARG B 118 11.92 -40.33 12.14
CA ARG B 118 12.44 -40.24 10.77
C ARG B 118 11.32 -39.95 9.77
N GLU B 119 10.26 -40.75 9.80
CA GLU B 119 9.12 -40.56 8.91
C GLU B 119 8.58 -39.15 9.03
N LEU B 120 8.75 -38.58 10.22
CA LEU B 120 8.29 -37.23 10.55
C LEU B 120 9.29 -36.17 10.11
N ARG B 121 10.59 -36.50 10.18
CA ARG B 121 11.67 -35.60 9.80
C ARG B 121 11.67 -35.56 8.26
N GLU B 122 10.82 -36.41 7.69
CA GLU B 122 10.65 -36.53 6.25
C GLU B 122 9.59 -35.53 5.82
N LEU B 123 8.46 -35.53 6.53
CA LEU B 123 7.36 -34.61 6.23
C LEU B 123 7.89 -33.19 6.33
N ARG B 124 8.83 -32.98 7.24
CA ARG B 124 9.43 -31.67 7.42
C ARG B 124 10.15 -31.29 6.14
N ARG B 125 11.01 -32.17 5.65
CA ARG B 125 11.77 -31.92 4.43
C ARG B 125 10.81 -31.92 3.24
N ASP B 126 9.57 -32.33 3.48
CA ASP B 126 8.53 -32.38 2.45
C ASP B 126 7.84 -31.02 2.37
N VAL B 127 7.54 -30.45 3.54
CA VAL B 127 6.90 -29.14 3.64
C VAL B 127 7.89 -28.05 3.27
N GLU B 128 9.17 -28.28 3.58
CA GLU B 128 10.20 -27.32 3.24
C GLU B 128 10.36 -27.24 1.73
N ARG B 129 10.17 -28.36 1.03
CA ARG B 129 10.29 -28.34 -0.43
C ARG B 129 9.11 -27.58 -1.00
N GLU B 130 7.95 -27.74 -0.35
CA GLU B 130 6.74 -27.07 -0.78
C GLU B 130 6.85 -25.54 -0.73
N ILE B 131 7.27 -25.00 0.42
CA ILE B 131 7.38 -23.56 0.53
C ILE B 131 8.29 -23.06 -0.56
N GLU B 132 9.21 -23.91 -1.01
CA GLU B 132 10.13 -23.51 -2.08
C GLU B 132 9.39 -23.46 -3.41
N GLU B 133 8.65 -24.51 -3.73
CA GLU B 133 7.89 -24.53 -4.97
C GLU B 133 7.07 -23.27 -5.16
N VAL B 134 6.18 -22.97 -4.21
CA VAL B 134 5.36 -21.76 -4.30
C VAL B 134 6.19 -20.49 -4.27
N MET B 135 6.89 -20.25 -3.17
CA MET B 135 7.73 -19.06 -3.06
C MET B 135 8.45 -18.68 -4.36
N GLU B 136 8.86 -19.67 -5.15
CA GLU B 136 9.55 -19.38 -6.41
C GLU B 136 8.58 -18.89 -7.49
N LYS B 137 7.30 -19.14 -7.29
CA LYS B 137 6.28 -18.75 -8.25
C LYS B 137 5.49 -17.54 -7.80
N ILE B 138 5.07 -17.54 -6.55
CA ILE B 138 4.27 -16.47 -6.00
C ILE B 138 5.14 -15.33 -5.43
N ALA B 139 6.43 -15.60 -5.27
CA ALA B 139 7.33 -14.60 -4.72
C ALA B 139 8.79 -14.78 -5.16
N PRO B 140 9.05 -14.73 -6.47
CA PRO B 140 10.41 -14.90 -6.98
C PRO B 140 11.36 -13.79 -6.54
N ASN B 141 11.08 -12.57 -6.99
CA ASN B 141 11.91 -11.40 -6.66
C ASN B 141 12.46 -11.43 -5.23
N MET B 142 11.77 -12.14 -4.33
CA MET B 142 12.22 -12.25 -2.94
C MET B 142 13.09 -13.48 -2.74
N THR B 143 12.54 -14.65 -3.06
CA THR B 143 13.27 -15.91 -2.93
C THR B 143 14.65 -15.70 -3.52
N GLU B 144 14.69 -14.95 -4.62
CA GLU B 144 15.93 -14.62 -5.33
C GLU B 144 17.00 -13.98 -4.44
N LEU B 145 16.59 -12.94 -3.71
CA LEU B 145 17.50 -12.19 -2.84
C LEU B 145 17.96 -12.90 -1.54
N VAL B 146 17.02 -13.48 -0.82
CA VAL B 146 17.34 -14.14 0.43
C VAL B 146 17.23 -15.66 0.37
N GLY B 147 16.36 -16.15 -0.49
CA GLY B 147 16.18 -17.57 -0.62
C GLY B 147 14.85 -17.99 -0.05
N ALA B 148 14.22 -18.97 -0.69
CA ALA B 148 12.90 -19.46 -0.26
C ALA B 148 12.75 -19.52 1.25
N LYS B 149 13.61 -20.30 1.88
CA LYS B 149 13.61 -20.48 3.34
C LYS B 149 13.26 -19.17 4.06
N VAL B 150 14.15 -18.19 3.96
CA VAL B 150 13.96 -16.89 4.61
C VAL B 150 12.74 -16.14 4.08
N ALA B 151 12.75 -15.86 2.77
CA ALA B 151 11.67 -15.15 2.12
C ALA B 151 10.30 -15.56 2.65
N ALA B 152 10.09 -16.87 2.77
CA ALA B 152 8.80 -17.36 3.23
C ALA B 152 8.49 -17.04 4.67
N LYS B 153 9.52 -16.95 5.51
CA LYS B 153 9.29 -16.65 6.93
C LYS B 153 8.86 -15.20 7.10
N LEU B 154 9.49 -14.30 6.35
CA LEU B 154 9.09 -12.91 6.45
C LEU B 154 7.60 -12.87 6.15
N LEU B 155 7.20 -13.50 5.06
CA LEU B 155 5.79 -13.51 4.68
C LEU B 155 4.89 -14.02 5.78
N GLU B 156 5.31 -15.06 6.48
CA GLU B 156 4.47 -15.59 7.54
C GLU B 156 4.51 -14.66 8.75
N ARG B 157 5.68 -14.11 9.04
CA ARG B 157 5.83 -13.20 10.16
C ARG B 157 5.07 -11.88 9.86
N ALA B 158 5.00 -11.55 8.56
CA ALA B 158 4.31 -10.36 8.07
C ALA B 158 2.82 -10.63 8.10
N GLY B 159 2.46 -11.88 7.82
CA GLY B 159 1.08 -12.28 7.83
C GLY B 159 0.53 -12.64 6.47
N SER B 160 0.72 -11.78 5.49
CA SER B 160 0.22 -12.03 4.16
C SER B 160 1.01 -11.17 3.23
N MET B 161 0.73 -11.25 1.93
CA MET B 161 1.46 -10.44 0.97
C MET B 161 1.20 -8.96 1.19
N GLU B 162 -0.04 -8.52 1.01
CA GLU B 162 -0.35 -7.11 1.20
C GLU B 162 0.06 -6.62 2.57
N ARG B 163 0.03 -7.51 3.56
CA ARG B 163 0.41 -7.14 4.91
C ARG B 163 1.91 -6.87 5.00
N LEU B 164 2.69 -7.55 4.17
CA LEU B 164 4.14 -7.40 4.16
C LEU B 164 4.58 -6.23 3.28
N VAL B 165 3.95 -6.14 2.12
CA VAL B 165 4.23 -5.12 1.14
C VAL B 165 4.20 -3.70 1.69
N ARG B 166 3.60 -3.51 2.86
CA ARG B 166 3.52 -2.18 3.47
C ARG B 166 4.43 -2.04 4.69
N LEU B 167 5.38 -2.97 4.82
CA LEU B 167 6.31 -2.95 5.94
C LEU B 167 7.53 -2.09 5.59
N PRO B 168 8.00 -1.25 6.53
CA PRO B 168 9.16 -0.40 6.29
C PRO B 168 10.38 -1.29 6.17
N ALA B 169 11.44 -0.79 5.57
CA ALA B 169 12.65 -1.57 5.43
C ALA B 169 13.28 -1.84 6.79
N SER B 170 12.95 -0.99 7.77
CA SER B 170 13.48 -1.11 9.12
C SER B 170 12.79 -2.21 9.92
N LYS B 171 11.51 -2.44 9.64
CA LYS B 171 10.79 -3.49 10.35
C LYS B 171 11.17 -4.82 9.72
N ILE B 172 11.65 -4.77 8.48
CA ILE B 172 12.07 -5.97 7.75
C ILE B 172 13.38 -6.55 8.28
N GLN B 173 14.34 -5.68 8.54
CA GLN B 173 15.61 -6.15 9.05
C GLN B 173 15.51 -6.40 10.54
N VAL B 174 14.30 -6.71 11.00
CA VAL B 174 14.09 -6.96 12.42
C VAL B 174 13.02 -8.03 12.65
N ILE B 175 11.88 -7.88 11.98
CA ILE B 175 10.78 -8.83 12.10
C ILE B 175 11.29 -10.26 12.18
N GLY B 176 12.55 -10.45 11.78
CA GLY B 176 13.19 -11.75 11.78
C GLY B 176 12.82 -12.74 12.88
N ALA B 177 13.22 -13.99 12.66
CA ALA B 177 12.96 -15.10 13.59
C ALA B 177 12.76 -14.56 15.00
N GLU B 178 11.49 -14.29 15.33
CA GLU B 178 11.12 -13.75 16.62
C GLU B 178 11.87 -14.44 17.77
N HIS B 199 18.53 -8.07 14.86
CA HIS B 199 19.23 -9.04 14.02
C HIS B 199 18.25 -10.06 13.43
N GLY B 200 17.31 -9.55 12.63
CA GLY B 200 16.32 -10.41 12.00
C GLY B 200 16.94 -11.53 11.17
N ILE B 201 16.10 -12.35 10.56
CA ILE B 201 16.60 -13.44 9.75
C ILE B 201 17.36 -12.95 8.52
N ILE B 202 17.13 -11.72 8.11
CA ILE B 202 17.83 -11.22 6.94
C ILE B 202 19.31 -11.05 7.27
N PHE B 203 19.62 -11.03 8.56
CA PHE B 203 20.99 -10.86 9.01
C PHE B 203 21.87 -12.07 8.74
N LEU B 204 21.24 -13.22 8.52
CA LEU B 204 21.98 -14.45 8.26
C LEU B 204 22.34 -14.66 6.78
N HIS B 205 21.94 -13.72 5.94
CA HIS B 205 22.24 -13.80 4.52
C HIS B 205 23.75 -13.65 4.34
N PRO B 206 24.34 -14.42 3.41
CA PRO B 206 25.78 -14.35 3.15
C PRO B 206 26.32 -12.92 3.08
N PHE B 207 25.76 -12.10 2.18
CA PHE B 207 26.21 -10.72 2.02
C PHE B 207 26.34 -9.96 3.32
N ILE B 208 25.50 -10.30 4.30
CA ILE B 208 25.59 -9.65 5.59
C ILE B 208 26.64 -10.40 6.41
N ARG B 209 26.41 -11.69 6.63
CA ARG B 209 27.32 -12.52 7.42
C ARG B 209 28.81 -12.43 7.12
N THR B 210 29.20 -12.15 5.88
CA THR B 210 30.62 -12.08 5.56
C THR B 210 31.20 -10.68 5.39
N LEU B 211 30.98 -9.85 6.40
CA LEU B 211 31.46 -8.49 6.41
C LEU B 211 32.24 -8.31 7.72
N PRO B 212 32.39 -7.08 8.22
CA PRO B 212 33.15 -6.98 9.47
C PRO B 212 32.33 -7.33 10.70
N LYS B 213 31.49 -6.39 11.12
CA LYS B 213 30.65 -6.57 12.29
C LYS B 213 29.85 -5.29 12.48
N ALA B 214 30.50 -4.16 12.23
CA ALA B 214 29.87 -2.84 12.37
C ALA B 214 29.36 -2.34 11.03
N LYS B 215 30.04 -2.73 9.96
CA LYS B 215 29.60 -2.30 8.63
C LYS B 215 28.63 -3.29 7.99
N ARG B 216 28.36 -4.39 8.68
CA ARG B 216 27.43 -5.36 8.15
C ARG B 216 26.03 -4.78 8.33
N GLY B 217 25.84 -3.95 9.35
CA GLY B 217 24.54 -3.36 9.59
C GLY B 217 24.11 -2.46 8.44
N LYS B 218 25.08 -1.92 7.73
CA LYS B 218 24.82 -1.03 6.60
C LYS B 218 24.46 -1.84 5.37
N MET B 219 24.61 -3.16 5.47
CA MET B 219 24.27 -4.06 4.38
C MET B 219 22.82 -4.46 4.56
N ALA B 220 22.44 -4.76 5.80
CA ALA B 220 21.09 -5.14 6.11
C ALA B 220 20.18 -4.03 5.58
N ARG B 221 20.44 -2.81 6.02
CA ARG B 221 19.66 -1.64 5.62
C ARG B 221 19.41 -1.59 4.11
N PHE B 222 20.45 -1.89 3.32
CA PHE B 222 20.30 -1.86 1.87
C PHE B 222 19.53 -3.09 1.41
N LEU B 223 19.86 -4.25 1.97
CA LEU B 223 19.20 -5.49 1.62
C LEU B 223 17.71 -5.39 1.96
N ALA B 224 17.43 -4.91 3.15
CA ALA B 224 16.07 -4.75 3.61
C ALA B 224 15.31 -3.80 2.69
N ALA B 225 15.94 -2.66 2.39
CA ALA B 225 15.34 -1.64 1.53
C ALA B 225 14.94 -2.26 0.19
N LYS B 226 15.92 -2.85 -0.48
CA LYS B 226 15.64 -3.48 -1.76
C LYS B 226 14.73 -4.71 -1.60
N LEU B 227 14.74 -5.35 -0.43
CA LEU B 227 13.88 -6.53 -0.26
C LEU B 227 12.43 -6.12 -0.26
N ALA B 228 12.12 -5.06 0.47
CA ALA B 228 10.76 -4.55 0.53
C ALA B 228 10.27 -4.29 -0.88
N ILE B 229 11.17 -3.82 -1.75
CA ILE B 229 10.82 -3.55 -3.15
C ILE B 229 10.52 -4.86 -3.88
N ALA B 230 11.38 -5.85 -3.68
CA ALA B 230 11.21 -7.17 -4.29
C ALA B 230 9.81 -7.67 -3.93
N ALA B 231 9.48 -7.54 -2.66
CA ALA B 231 8.18 -7.95 -2.14
C ALA B 231 7.03 -7.31 -2.89
N LYS B 232 7.16 -6.01 -3.19
CA LYS B 232 6.10 -5.30 -3.91
C LYS B 232 6.02 -5.74 -5.35
N ILE B 233 7.19 -5.86 -5.97
CA ILE B 233 7.23 -6.26 -7.36
C ILE B 233 6.71 -7.69 -7.53
N ASP B 234 6.95 -8.55 -6.54
CA ASP B 234 6.46 -9.92 -6.61
C ASP B 234 4.93 -9.94 -6.62
N TYR B 235 4.37 -9.24 -5.63
CA TYR B 235 2.94 -9.13 -5.40
C TYR B 235 2.11 -8.42 -6.49
N PHE B 236 2.73 -7.49 -7.22
CA PHE B 236 2.00 -6.76 -8.25
C PHE B 236 2.38 -7.08 -9.69
N ARG B 237 3.59 -7.61 -9.86
CA ARG B 237 4.15 -8.00 -11.15
C ARG B 237 4.11 -9.52 -11.29
N GLY B 238 4.73 -10.20 -10.33
CA GLY B 238 4.79 -11.64 -10.35
C GLY B 238 6.04 -12.12 -11.06
N GLU B 239 6.63 -11.25 -11.86
CA GLU B 239 7.83 -11.58 -12.62
C GLU B 239 9.12 -11.02 -12.03
N ILE B 240 10.18 -11.81 -12.11
CA ILE B 240 11.48 -11.42 -11.58
C ILE B 240 12.00 -10.14 -12.23
N ASP B 241 13.05 -9.59 -11.62
CA ASP B 241 13.72 -8.38 -12.08
C ASP B 241 15.12 -8.42 -11.49
N GLU B 242 16.09 -8.90 -12.28
CA GLU B 242 17.47 -9.01 -11.79
C GLU B 242 18.12 -7.68 -11.43
N SER B 243 17.39 -6.59 -11.64
CA SER B 243 17.91 -5.27 -11.30
C SER B 243 18.09 -5.30 -9.80
N LEU B 244 17.24 -6.10 -9.15
CA LEU B 244 17.24 -6.27 -7.71
C LEU B 244 18.52 -6.93 -7.22
N TYR B 245 18.68 -8.22 -7.51
CA TYR B 245 19.87 -8.94 -7.07
C TYR B 245 21.12 -8.20 -7.51
N GLU B 246 21.05 -7.62 -8.70
CA GLU B 246 22.16 -6.87 -9.23
C GLU B 246 22.65 -5.86 -8.18
N SER B 247 21.80 -4.89 -7.88
CA SER B 247 22.11 -3.85 -6.91
C SER B 247 22.76 -4.38 -5.64
N ILE B 248 22.23 -5.49 -5.14
CA ILE B 248 22.72 -6.11 -3.91
C ILE B 248 24.16 -6.64 -3.98
N ARG B 249 24.46 -7.40 -5.03
CA ARG B 249 25.80 -7.94 -5.21
C ARG B 249 26.78 -6.80 -5.37
N ARG B 250 26.40 -5.82 -6.17
CA ARG B 250 27.24 -4.65 -6.41
C ARG B 250 27.53 -3.92 -5.10
N ARG B 251 26.47 -3.51 -4.41
CA ARG B 251 26.59 -2.79 -3.14
C ARG B 251 27.41 -3.62 -2.17
N TYR B 252 27.42 -4.93 -2.41
CA TYR B 252 28.16 -5.85 -1.57
C TYR B 252 29.65 -5.70 -1.82
N GLU B 253 30.04 -5.70 -3.09
CA GLU B 253 31.45 -5.54 -3.44
C GLU B 253 31.91 -4.23 -2.83
N GLU B 254 31.15 -3.18 -3.10
CA GLU B 254 31.45 -1.86 -2.59
C GLU B 254 31.92 -1.92 -1.14
N LEU B 255 31.43 -2.91 -0.40
CA LEU B 255 31.82 -3.05 1.00
C LEU B 255 33.21 -3.65 1.16
N ARG B 256 34.18 -2.75 1.26
CA ARG B 256 35.59 -3.05 1.42
C ARG B 256 36.24 -1.74 1.86
#